data_6IOQ
#
_entry.id   6IOQ
#
_cell.length_a   54.351
_cell.length_b   64.637
_cell.length_c   136.577
_cell.angle_alpha   90.00
_cell.angle_beta   90.00
_cell.angle_gamma   90.00
#
_symmetry.space_group_name_H-M   'I 2 2 2'
#
loop_
_entity.id
_entity.type
_entity.pdbx_description
1 polymer 'Methyl-accepting chemotaxis protein'
2 non-polymer GLYCINE
3 non-polymer 'CALCIUM ION'
4 water water
#
_entity_poly.entity_id   1
_entity_poly.type   'polypeptide(L)'
_entity_poly.pdbx_seq_one_letter_code
;GPLGSVREEIESLVQDSLMEMVKGVKNTIESDLASKKGLAQSTTEILQLDPTNKAFAKSVLESPNLKGSFLAIGLGYESD
ATVVENDDGWEPNADYDPRKRPWYVDAKRERKLVVTEPYVDISTKKIIISIGTPVYQQSNFVGAMFYDVELTQLAQLVNS
VNLFDAGYLFITTKDGVTIAHPNAENNGEKFSQFLPNVDLKEGTQRIELDGKYYLVKFAQVPSESWYIGAVVDESIAFAM
VDDLRHSSLIHHHHHH
;
_entity_poly.pdbx_strand_id   A
#
loop_
_chem_comp.id
_chem_comp.type
_chem_comp.name
_chem_comp.formula
CA non-polymer 'CALCIUM ION' 'Ca 2'
#
# COMPACT_ATOMS: atom_id res chain seq x y z
N GLY A 4 6.21 42.26 -4.54
CA GLY A 4 4.87 42.47 -3.98
C GLY A 4 3.83 41.58 -4.68
N SER A 5 3.44 41.96 -5.90
CA SER A 5 2.54 41.12 -6.67
C SER A 5 3.30 39.92 -7.25
N VAL A 6 4.61 40.04 -7.36
CA VAL A 6 5.42 38.94 -7.88
C VAL A 6 5.46 37.79 -6.87
N ARG A 7 5.59 38.14 -5.59
CA ARG A 7 5.50 37.19 -4.50
C ARG A 7 4.27 36.29 -4.62
N GLU A 8 3.13 36.90 -4.86
CA GLU A 8 1.88 36.16 -4.96
C GLU A 8 1.82 35.41 -6.29
N GLU A 9 2.39 35.99 -7.34
CA GLU A 9 2.52 35.27 -8.60
C GLU A 9 3.39 34.02 -8.42
N ILE A 10 4.52 34.17 -7.74
CA ILE A 10 5.42 33.05 -7.49
C ILE A 10 4.72 31.99 -6.63
N GLU A 11 3.95 32.45 -5.64
CA GLU A 11 3.19 31.54 -4.78
C GLU A 11 2.19 30.74 -5.60
N SER A 12 1.58 31.41 -6.57
CA SER A 12 0.63 30.74 -7.44
C SER A 12 1.32 29.62 -8.21
N LEU A 13 2.46 29.93 -8.83
CA LEU A 13 3.23 28.94 -9.58
C LEU A 13 3.62 27.74 -8.72
N VAL A 14 4.09 28.03 -7.51
CA VAL A 14 4.51 26.98 -6.59
C VAL A 14 3.35 26.05 -6.21
N GLN A 15 2.23 26.62 -5.81
CA GLN A 15 1.11 25.79 -5.37
C GLN A 15 0.50 24.99 -6.52
N ASP A 16 0.40 25.61 -7.69
CA ASP A 16 -0.16 24.95 -8.86
C ASP A 16 0.73 23.78 -9.30
N SER A 17 2.04 23.96 -9.21
CA SER A 17 2.96 22.91 -9.64
C SER A 17 3.05 21.79 -8.61
N LEU A 18 2.86 22.09 -7.33
CA LEU A 18 2.83 21.05 -6.31
C LEU A 18 1.64 20.14 -6.52
N MET A 19 0.48 20.75 -6.77
CA MET A 19 -0.76 20.01 -6.92
C MET A 19 -0.74 19.18 -8.20
N GLU A 20 -0.12 19.71 -9.24
CA GLU A 20 0.02 18.94 -10.46
C GLU A 20 0.97 17.78 -10.24
N MET A 21 2.03 17.99 -9.48
CA MET A 21 2.96 16.91 -9.19
C MET A 21 2.29 15.80 -8.39
N VAL A 22 1.52 16.18 -7.38
CA VAL A 22 0.91 15.21 -6.48
C VAL A 22 -0.23 14.44 -7.16
N LYS A 23 -1.02 15.11 -7.97
CA LYS A 23 -2.10 14.41 -8.67
C LYS A 23 -1.55 13.41 -9.67
N GLY A 24 -0.46 13.77 -10.35
CA GLY A 24 0.23 12.81 -11.19
C GLY A 24 0.65 11.58 -10.40
N VAL A 25 1.19 11.79 -9.19
CA VAL A 25 1.62 10.65 -8.39
C VAL A 25 0.40 9.85 -7.91
N LYS A 26 -0.68 10.55 -7.58
CA LYS A 26 -1.91 9.92 -7.14
C LYS A 26 -2.50 8.99 -8.20
N ASN A 27 -2.41 9.42 -9.47
CA ASN A 27 -2.88 8.59 -10.57
C ASN A 27 -2.02 7.37 -10.74
N THR A 28 -0.71 7.53 -10.53
CA THR A 28 0.20 6.39 -10.58
C THR A 28 -0.19 5.34 -9.53
N ILE A 29 -0.46 5.79 -8.32
CA ILE A 29 -0.82 4.88 -7.24
C ILE A 29 -2.16 4.19 -7.52
N GLU A 30 -3.14 4.98 -7.95
CA GLU A 30 -4.44 4.46 -8.28
C GLU A 30 -4.38 3.39 -9.37
N SER A 31 -3.60 3.67 -10.42
CA SER A 31 -3.38 2.73 -11.50
C SER A 31 -2.67 1.45 -11.04
N ASP A 32 -1.67 1.58 -10.20
CA ASP A 32 -0.99 0.37 -9.74
C ASP A 32 -1.92 -0.48 -8.87
N LEU A 33 -2.63 0.16 -7.96
CA LEU A 33 -3.56 -0.52 -7.08
C LEU A 33 -4.67 -1.22 -7.87
N ALA A 34 -5.33 -0.49 -8.77
CA ALA A 34 -6.39 -1.08 -9.60
C ALA A 34 -5.89 -2.28 -10.40
N SER A 35 -4.68 -2.22 -10.96
CA SER A 35 -4.21 -3.35 -11.73
C SER A 35 -3.89 -4.54 -10.80
N LYS A 36 -3.37 -4.26 -9.62
CA LYS A 36 -3.13 -5.31 -8.62
C LYS A 36 -4.44 -5.93 -8.16
N LYS A 37 -5.44 -5.10 -7.92
CA LYS A 37 -6.75 -5.60 -7.50
C LYS A 37 -7.41 -6.46 -8.59
N GLY A 38 -7.32 -6.01 -9.83
CA GLY A 38 -7.86 -6.76 -10.96
C GLY A 38 -7.22 -8.13 -11.10
N LEU A 39 -5.91 -8.22 -10.92
CA LEU A 39 -5.19 -9.48 -10.95
C LEU A 39 -5.62 -10.42 -9.81
N ALA A 40 -5.71 -9.85 -8.60
CA ALA A 40 -6.16 -10.56 -7.42
C ALA A 40 -7.56 -11.09 -7.60
N GLN A 41 -8.43 -10.25 -8.13
CA GLN A 41 -9.82 -10.62 -8.32
C GLN A 41 -9.91 -11.78 -9.30
N SER A 42 -9.26 -11.67 -10.45
CA SER A 42 -9.28 -12.77 -11.42
C SER A 42 -8.62 -14.04 -10.91
N THR A 43 -7.53 -13.91 -10.15
CA THR A 43 -6.84 -15.11 -9.66
C THR A 43 -7.73 -15.85 -8.70
N THR A 44 -8.39 -15.10 -7.82
CA THR A 44 -9.30 -15.69 -6.87
C THR A 44 -10.47 -16.41 -7.58
N GLU A 45 -11.03 -15.76 -8.59
CA GLU A 45 -12.16 -16.34 -9.32
C GLU A 45 -11.73 -17.59 -10.04
N ILE A 46 -10.52 -17.58 -10.58
CA ILE A 46 -10.03 -18.77 -11.27
C ILE A 46 -9.81 -19.91 -10.28
N LEU A 47 -9.20 -19.63 -9.13
CA LEU A 47 -9.03 -20.65 -8.10
C LEU A 47 -10.37 -21.19 -7.59
N GLN A 48 -11.43 -20.38 -7.67
CA GLN A 48 -12.76 -20.80 -7.26
C GLN A 48 -13.41 -21.82 -8.19
N LEU A 49 -12.76 -22.12 -9.30
CA LEU A 49 -13.18 -23.24 -10.16
C LEU A 49 -12.91 -24.59 -9.47
N ASP A 50 -11.94 -24.61 -8.55
CA ASP A 50 -11.64 -25.82 -7.78
C ASP A 50 -10.75 -25.45 -6.59
N PRO A 51 -11.33 -24.77 -5.60
CA PRO A 51 -10.56 -24.12 -4.53
C PRO A 51 -9.84 -25.09 -3.60
N THR A 52 -10.35 -26.30 -3.45
CA THR A 52 -9.75 -27.27 -2.53
C THR A 52 -8.67 -28.08 -3.22
N ASN A 53 -8.45 -27.81 -4.49
CA ASN A 53 -7.39 -28.47 -5.24
C ASN A 53 -6.06 -27.78 -4.96
N LYS A 54 -5.34 -28.24 -3.94
CA LYS A 54 -4.08 -27.60 -3.54
C LYS A 54 -3.04 -27.62 -4.64
N ALA A 55 -3.00 -28.69 -5.42
CA ALA A 55 -2.03 -28.79 -6.52
C ALA A 55 -2.31 -27.76 -7.62
N PHE A 56 -3.59 -27.56 -7.93
CA PHE A 56 -4.01 -26.57 -8.91
C PHE A 56 -3.71 -25.16 -8.39
N ALA A 57 -4.04 -24.96 -7.12
CA ALA A 57 -3.86 -23.67 -6.49
C ALA A 57 -2.37 -23.30 -6.49
N LYS A 58 -1.51 -24.26 -6.18
CA LYS A 58 -0.09 -23.96 -6.12
C LYS A 58 0.42 -23.61 -7.50
N SER A 59 -0.10 -24.29 -8.51
CA SER A 59 0.35 -24.10 -9.88
C SER A 59 0.01 -22.72 -10.38
N VAL A 60 -1.16 -22.25 -10.01
CA VAL A 60 -1.61 -20.90 -10.36
C VAL A 60 -0.71 -19.85 -9.70
N LEU A 61 -0.48 -20.00 -8.40
CA LEU A 61 0.30 -19.05 -7.62
C LEU A 61 1.77 -19.02 -7.99
N GLU A 62 2.25 -20.09 -8.62
CA GLU A 62 3.62 -20.18 -9.10
C GLU A 62 3.79 -19.70 -10.53
N SER A 63 2.70 -19.42 -11.24
CA SER A 63 2.81 -18.94 -12.62
C SER A 63 3.53 -17.62 -12.63
N PRO A 64 4.48 -17.44 -13.56
CA PRO A 64 5.48 -16.35 -13.41
C PRO A 64 4.94 -14.92 -13.42
N ASN A 65 3.95 -14.58 -14.24
CA ASN A 65 3.52 -13.19 -14.25
C ASN A 65 2.87 -12.81 -12.93
N LEU A 66 2.04 -13.69 -12.42
CA LEU A 66 1.36 -13.46 -11.16
C LEU A 66 2.35 -13.47 -10.01
N LYS A 67 3.24 -14.46 -10.02
CA LYS A 67 4.27 -14.55 -8.99
C LYS A 67 5.13 -13.29 -9.01
N GLY A 68 5.43 -12.77 -10.19
CA GLY A 68 6.22 -11.56 -10.31
C GLY A 68 5.50 -10.26 -9.97
N SER A 69 4.20 -10.30 -9.76
CA SER A 69 3.41 -9.09 -9.48
C SER A 69 3.21 -8.76 -8.01
N PHE A 70 3.56 -9.69 -7.13
CA PHE A 70 3.37 -9.47 -5.71
C PHE A 70 4.58 -10.04 -4.94
N LEU A 71 4.82 -9.52 -3.76
CA LEU A 71 5.86 -10.05 -2.89
C LEU A 71 5.60 -11.54 -2.62
N ALA A 72 4.34 -11.88 -2.34
CA ALA A 72 3.98 -13.24 -2.02
C ALA A 72 2.48 -13.41 -2.17
N ILE A 73 2.07 -14.62 -2.51
CA ILE A 73 0.66 -14.94 -2.61
C ILE A 73 0.38 -16.25 -1.91
N GLY A 74 -0.75 -16.33 -1.24
CA GLY A 74 -1.11 -17.55 -0.58
C GLY A 74 -2.60 -17.70 -0.37
N LEU A 75 -2.99 -18.91 -0.03
CA LEU A 75 -4.36 -19.26 0.23
C LEU A 75 -4.41 -20.06 1.52
N GLY A 76 -5.17 -19.58 2.49
CA GLY A 76 -5.37 -20.29 3.75
C GLY A 76 -6.76 -20.86 3.78
N TYR A 77 -6.89 -22.07 4.32
CA TYR A 77 -8.16 -22.78 4.31
C TYR A 77 -8.85 -22.78 5.67
N GLU A 78 -10.17 -22.59 5.63
CA GLU A 78 -10.95 -22.48 6.85
C GLU A 78 -11.06 -23.80 7.61
N SER A 79 -11.04 -24.92 6.88
CA SER A 79 -11.23 -26.24 7.48
C SER A 79 -10.03 -26.70 8.32
N ASP A 80 -8.90 -26.94 7.67
CA ASP A 80 -7.74 -27.52 8.34
C ASP A 80 -6.60 -26.54 8.60
N ALA A 81 -6.86 -25.25 8.48
CA ALA A 81 -5.87 -24.19 8.71
C ALA A 81 -4.58 -24.35 7.90
N THR A 82 -4.63 -25.17 6.86
CA THR A 82 -3.48 -25.33 5.99
C THR A 82 -3.32 -24.10 5.08
N VAL A 83 -2.16 -23.99 4.43
CA VAL A 83 -1.88 -22.85 3.59
C VAL A 83 -1.03 -23.24 2.38
N VAL A 84 -1.45 -22.81 1.19
CA VAL A 84 -0.62 -22.91 -0.02
C VAL A 84 -0.04 -21.53 -0.30
N GLU A 85 1.25 -21.44 -0.56
CA GLU A 85 1.85 -20.13 -0.82
C GLU A 85 3.01 -20.26 -1.79
N ASN A 86 3.43 -19.13 -2.36
CA ASN A 86 4.50 -19.16 -3.36
C ASN A 86 5.77 -18.48 -2.85
N ASP A 87 5.90 -18.36 -1.54
CA ASP A 87 7.11 -17.77 -0.96
C ASP A 87 8.23 -18.82 -0.93
N ASP A 88 9.27 -18.58 -1.71
CA ASP A 88 10.37 -19.53 -1.84
C ASP A 88 11.11 -19.70 -0.51
N GLY A 89 11.24 -18.62 0.24
CA GLY A 89 12.05 -18.62 1.43
C GLY A 89 11.26 -18.67 2.73
N TRP A 90 10.08 -19.28 2.67
CA TRP A 90 9.25 -19.37 3.86
C TRP A 90 8.30 -20.55 3.81
N GLU A 91 8.28 -21.30 4.89
CA GLU A 91 7.34 -22.38 5.11
C GLU A 91 6.70 -22.11 6.48
N PRO A 92 5.36 -22.20 6.57
CA PRO A 92 4.64 -21.87 7.81
C PRO A 92 4.97 -22.78 8.99
N ASN A 93 5.14 -22.20 10.18
CA ASN A 93 5.37 -22.97 11.39
C ASN A 93 4.20 -23.89 11.70
N ALA A 94 4.40 -24.77 12.67
CA ALA A 94 3.36 -25.69 13.10
C ALA A 94 2.23 -24.96 13.80
N ASP A 95 2.52 -23.74 14.28
CA ASP A 95 1.52 -22.93 14.93
C ASP A 95 1.11 -21.70 14.11
N TYR A 96 1.44 -21.67 12.82
CA TYR A 96 0.90 -20.61 11.97
C TYR A 96 -0.55 -20.95 11.66
N ASP A 97 -1.45 -20.01 11.93
CA ASP A 97 -2.86 -20.17 11.62
C ASP A 97 -3.32 -19.00 10.76
N PRO A 98 -3.57 -19.26 9.47
CA PRO A 98 -3.94 -18.17 8.55
C PRO A 98 -5.22 -17.49 8.96
N ARG A 99 -6.13 -18.26 9.58
CA ARG A 99 -7.42 -17.74 9.99
C ARG A 99 -7.27 -16.61 10.99
N LYS A 100 -6.12 -16.53 11.64
CA LYS A 100 -5.89 -15.47 12.61
C LYS A 100 -5.27 -14.21 11.99
N ARG A 101 -4.82 -14.31 10.75
CA ARG A 101 -4.05 -13.22 10.14
C ARG A 101 -4.99 -12.11 9.63
N PRO A 102 -4.53 -10.84 9.66
CA PRO A 102 -5.39 -9.71 9.31
C PRO A 102 -5.95 -9.74 7.87
N TRP A 103 -5.22 -10.32 6.92
CA TRP A 103 -5.76 -10.43 5.57
C TRP A 103 -6.93 -11.38 5.55
N TYR A 104 -6.86 -12.41 6.37
CA TYR A 104 -7.91 -13.42 6.41
C TYR A 104 -9.15 -12.89 7.13
N VAL A 105 -8.92 -12.26 8.27
CA VAL A 105 -9.99 -11.70 9.08
C VAL A 105 -10.72 -10.57 8.33
N ASP A 106 -9.97 -9.69 7.69
CA ASP A 106 -10.56 -8.61 6.91
C ASP A 106 -11.38 -9.17 5.75
N ALA A 107 -10.83 -10.12 5.01
CA ALA A 107 -11.56 -10.66 3.86
C ALA A 107 -12.82 -11.37 4.29
N LYS A 108 -12.75 -12.11 5.39
CA LYS A 108 -13.90 -12.86 5.87
C LYS A 108 -14.98 -11.91 6.40
N ARG A 109 -14.56 -10.88 7.12
CA ARG A 109 -15.49 -9.87 7.62
C ARG A 109 -16.20 -9.11 6.50
N GLU A 110 -15.49 -8.73 5.44
CA GLU A 110 -16.10 -7.87 4.43
C GLU A 110 -16.67 -8.66 3.26
N ARG A 111 -16.31 -9.94 3.16
CA ARG A 111 -16.81 -10.80 2.08
C ARG A 111 -16.55 -10.20 0.68
N LYS A 112 -15.42 -9.53 0.53
CA LYS A 112 -15.03 -8.97 -0.74
C LYS A 112 -13.54 -8.66 -0.70
N LEU A 113 -13.00 -8.18 -1.81
CA LEU A 113 -11.60 -7.81 -1.85
C LEU A 113 -11.34 -6.64 -0.91
N VAL A 114 -10.32 -6.78 -0.09
CA VAL A 114 -9.94 -5.74 0.86
C VAL A 114 -8.44 -5.46 0.76
N VAL A 115 -8.04 -4.26 1.15
CA VAL A 115 -6.65 -3.93 1.36
C VAL A 115 -6.45 -3.73 2.86
N THR A 116 -5.53 -4.48 3.47
CA THR A 116 -5.33 -4.42 4.92
C THR A 116 -4.67 -3.13 5.37
N GLU A 117 -4.78 -2.86 6.67
CA GLU A 117 -3.93 -1.88 7.32
C GLU A 117 -2.50 -2.40 7.30
N PRO A 118 -1.51 -1.53 7.56
CA PRO A 118 -0.15 -2.07 7.65
C PRO A 118 -0.05 -3.09 8.77
N TYR A 119 0.75 -4.13 8.58
CA TYR A 119 0.96 -5.12 9.63
C TYR A 119 2.28 -5.85 9.43
N VAL A 120 2.74 -6.53 10.48
CA VAL A 120 4.01 -7.26 10.41
C VAL A 120 3.87 -8.57 9.66
N ASP A 121 4.58 -8.67 8.55
CA ASP A 121 4.63 -9.90 7.77
C ASP A 121 5.31 -11.03 8.54
N ILE A 122 4.74 -12.23 8.50
CA ILE A 122 5.37 -13.39 9.14
C ILE A 122 6.67 -13.76 8.44
N SER A 123 6.66 -13.70 7.11
CA SER A 123 7.80 -14.14 6.29
C SER A 123 8.99 -13.20 6.33
N THR A 124 8.78 -11.95 5.93
CA THR A 124 9.90 -11.01 5.82
C THR A 124 10.12 -10.22 7.09
N LYS A 125 9.28 -10.44 8.10
CA LYS A 125 9.39 -9.76 9.39
C LYS A 125 9.33 -8.23 9.27
N LYS A 126 8.80 -7.73 8.15
CA LYS A 126 8.68 -6.29 7.88
C LYS A 126 7.21 -5.87 7.87
N ILE A 127 6.97 -4.57 7.98
CA ILE A 127 5.63 -4.05 7.79
C ILE A 127 5.30 -4.17 6.33
N ILE A 128 4.15 -4.77 6.03
CA ILE A 128 3.62 -4.85 4.66
C ILE A 128 2.15 -4.45 4.68
N ILE A 129 1.53 -4.42 3.50
CA ILE A 129 0.08 -4.44 3.40
C ILE A 129 -0.24 -5.60 2.49
N SER A 130 -1.48 -6.08 2.54
CA SER A 130 -1.91 -7.15 1.68
C SER A 130 -3.25 -6.86 1.05
N ILE A 131 -3.44 -7.38 -0.15
CA ILE A 131 -4.80 -7.51 -0.68
C ILE A 131 -5.32 -8.83 -0.18
N GLY A 132 -6.47 -8.83 0.49
CA GLY A 132 -7.07 -10.10 0.90
C GLY A 132 -8.36 -10.35 0.11
N THR A 133 -8.61 -11.60 -0.26
CA THR A 133 -9.88 -11.93 -0.89
C THR A 133 -10.47 -13.20 -0.27
N PRO A 134 -11.80 -13.26 -0.19
CA PRO A 134 -12.42 -14.50 0.27
C PRO A 134 -12.51 -15.51 -0.86
N VAL A 135 -12.50 -16.78 -0.51
CA VAL A 135 -12.63 -17.83 -1.49
C VAL A 135 -13.90 -18.63 -1.19
N TYR A 136 -14.76 -18.81 -2.20
CA TYR A 136 -16.03 -19.52 -2.04
C TYR A 136 -16.12 -20.77 -2.88
N GLN A 137 -16.66 -21.83 -2.29
CA GLN A 137 -16.98 -23.05 -3.01
C GLN A 137 -18.51 -23.16 -3.08
N GLN A 138 -19.06 -22.87 -4.26
CA GLN A 138 -20.51 -22.72 -4.43
C GLN A 138 -21.21 -22.08 -3.25
N SER A 139 -20.87 -20.83 -2.97
CA SER A 139 -21.52 -20.00 -1.94
C SER A 139 -21.11 -20.37 -0.51
N ASN A 140 -20.24 -21.36 -0.36
CA ASN A 140 -19.65 -21.64 0.95
C ASN A 140 -18.24 -21.07 1.07
N PHE A 141 -17.99 -20.34 2.16
CA PHE A 141 -16.67 -19.79 2.45
C PHE A 141 -15.71 -20.89 2.84
N VAL A 142 -14.69 -21.14 2.02
CA VAL A 142 -13.75 -22.21 2.32
C VAL A 142 -12.35 -21.67 2.69
N GLY A 143 -12.17 -20.37 2.55
CA GLY A 143 -10.95 -19.74 3.05
C GLY A 143 -10.68 -18.37 2.45
N ALA A 144 -9.44 -17.91 2.57
CA ALA A 144 -9.06 -16.58 2.10
C ALA A 144 -7.67 -16.55 1.44
N MET A 145 -7.39 -15.50 0.67
CA MET A 145 -6.09 -15.33 0.03
C MET A 145 -5.41 -14.03 0.44
N PHE A 146 -4.08 -14.05 0.44
CA PHE A 146 -3.33 -12.82 0.56
C PHE A 146 -2.49 -12.57 -0.68
N TYR A 147 -2.37 -11.30 -1.02
CA TYR A 147 -1.48 -10.86 -2.07
C TYR A 147 -0.67 -9.76 -1.43
N ASP A 148 0.55 -10.09 -1.01
CA ASP A 148 1.36 -9.13 -0.27
C ASP A 148 1.95 -8.04 -1.14
N VAL A 149 2.01 -6.83 -0.59
CA VAL A 149 2.64 -5.70 -1.27
C VAL A 149 3.86 -5.20 -0.47
N GLU A 150 5.03 -5.27 -1.10
CA GLU A 150 6.26 -4.78 -0.48
C GLU A 150 6.29 -3.25 -0.41
N LEU A 151 6.58 -2.70 0.75
CA LEU A 151 6.37 -1.27 0.97
C LEU A 151 7.53 -0.41 0.50
N THR A 152 8.74 -0.98 0.44
CA THR A 152 9.86 -0.24 -0.13
C THR A 152 9.57 -0.02 -1.62
N GLN A 153 9.01 -1.04 -2.28
CA GLN A 153 8.65 -0.89 -3.68
C GLN A 153 7.57 0.14 -3.87
N LEU A 154 6.62 0.18 -2.94
CA LEU A 154 5.58 1.18 -3.01
C LEU A 154 6.16 2.59 -2.81
N ALA A 155 7.09 2.71 -1.87
CA ALA A 155 7.78 3.97 -1.64
C ALA A 155 8.57 4.43 -2.87
N GLN A 156 9.23 3.49 -3.56
CA GLN A 156 9.93 3.83 -4.81
C GLN A 156 8.96 4.34 -5.85
N LEU A 157 7.82 3.69 -5.95
CA LEU A 157 6.78 4.12 -6.87
C LEU A 157 6.26 5.54 -6.60
N VAL A 158 5.84 5.88 -5.36
CA VAL A 158 5.39 7.28 -5.14
C VAL A 158 6.49 8.31 -5.32
N ASN A 159 7.74 7.87 -5.19
CA ASN A 159 8.88 8.72 -5.44
C ASN A 159 9.46 8.49 -6.83
N SER A 160 8.64 7.96 -7.74
CA SER A 160 8.97 7.86 -9.17
C SER A 160 9.55 9.17 -9.63
N VAL A 161 8.70 10.20 -9.65
CA VAL A 161 9.18 11.56 -9.84
C VAL A 161 10.28 11.71 -8.81
N ASN A 162 11.43 12.23 -9.19
CA ASN A 162 12.51 12.25 -8.21
C ASN A 162 12.72 13.67 -7.71
N LEU A 163 12.36 13.90 -6.44
CA LEU A 163 12.50 15.21 -5.83
C LEU A 163 13.91 15.37 -5.29
N PHE A 164 14.67 14.28 -5.32
CA PHE A 164 16.08 14.27 -4.94
C PHE A 164 16.29 14.90 -3.56
N ASP A 165 17.06 15.97 -3.51
CA ASP A 165 17.34 16.65 -2.25
C ASP A 165 16.30 17.74 -1.94
N ALA A 166 15.38 17.98 -2.88
CA ALA A 166 14.32 18.97 -2.67
C ALA A 166 13.19 18.44 -1.78
N GLY A 167 13.05 17.11 -1.71
CA GLY A 167 12.08 16.52 -0.81
C GLY A 167 11.65 15.12 -1.20
N TYR A 168 10.51 14.68 -0.67
CA TYR A 168 10.03 13.34 -0.94
C TYR A 168 8.52 13.19 -0.81
N LEU A 169 8.02 12.05 -1.27
CA LEU A 169 6.61 11.73 -1.13
C LEU A 169 6.44 10.51 -0.24
N PHE A 170 5.26 10.40 0.36
CA PHE A 170 4.96 9.27 1.21
C PHE A 170 3.46 8.97 1.14
N ILE A 171 3.06 7.85 1.72
CA ILE A 171 1.66 7.45 1.76
C ILE A 171 1.24 7.12 3.18
N THR A 172 0.07 7.56 3.59
CA THR A 172 -0.53 7.11 4.84
C THR A 172 -1.97 6.60 4.63
N THR A 173 -2.48 5.84 5.59
CA THR A 173 -3.91 5.49 5.66
C THR A 173 -4.72 6.72 6.01
N LYS A 174 -6.04 6.58 6.05
CA LYS A 174 -6.92 7.69 6.41
C LYS A 174 -6.71 8.14 7.85
N ASP A 175 -6.14 7.26 8.68
CA ASP A 175 -5.92 7.56 10.09
C ASP A 175 -4.50 8.07 10.34
N GLY A 176 -3.75 8.36 9.28
CA GLY A 176 -2.42 8.91 9.40
C GLY A 176 -1.32 7.90 9.71
N VAL A 177 -1.63 6.62 9.58
CA VAL A 177 -0.61 5.58 9.71
C VAL A 177 0.20 5.42 8.41
N THR A 178 1.52 5.52 8.52
CA THR A 178 2.38 5.52 7.34
C THR A 178 2.45 4.17 6.65
N ILE A 179 2.25 4.22 5.34
CA ILE A 179 2.16 3.05 4.45
C ILE A 179 3.44 2.91 3.66
N ALA A 180 4.00 4.04 3.29
CA ALA A 180 5.19 4.05 2.47
C ALA A 180 5.96 5.32 2.75
N HIS A 181 7.27 5.17 2.90
CA HIS A 181 8.16 6.28 3.20
C HIS A 181 9.56 5.88 2.78
N PRO A 182 10.38 6.84 2.31
CA PRO A 182 11.79 6.57 1.98
C PRO A 182 12.55 5.84 3.09
N ASN A 183 12.21 6.11 4.35
CA ASN A 183 12.77 5.31 5.45
C ASN A 183 11.67 4.41 5.98
N ALA A 184 11.79 3.12 5.70
CA ALA A 184 10.76 2.13 6.00
C ALA A 184 10.49 1.99 7.49
N GLU A 185 11.36 2.57 8.29
CA GLU A 185 11.24 2.48 9.72
C GLU A 185 9.99 3.24 10.16
N ASN A 186 9.56 4.19 9.35
CA ASN A 186 8.35 4.95 9.64
C ASN A 186 7.07 4.19 9.37
N ASN A 187 7.17 3.11 8.59
CA ASN A 187 5.96 2.40 8.15
C ASN A 187 5.25 1.77 9.32
N GLY A 188 3.92 1.91 9.36
CA GLY A 188 3.15 1.35 10.45
C GLY A 188 3.03 2.27 11.65
N GLU A 189 3.71 3.41 11.58
CA GLU A 189 3.64 4.41 12.64
C GLU A 189 2.88 5.62 12.17
N LYS A 190 2.36 6.39 13.12
CA LYS A 190 1.75 7.69 12.81
C LYS A 190 2.74 8.61 12.13
N PHE A 191 2.27 9.35 11.13
CA PHE A 191 3.18 10.10 10.30
C PHE A 191 3.72 11.30 11.06
N SER A 192 3.05 11.70 12.13
CA SER A 192 3.50 12.82 12.96
C SER A 192 4.92 12.68 13.49
N GLN A 193 5.45 11.46 13.55
CA GLN A 193 6.79 11.28 14.07
C GLN A 193 7.87 11.83 13.11
N PHE A 194 7.53 12.00 11.82
CA PHE A 194 8.48 12.70 10.95
C PHE A 194 7.93 14.03 10.42
N LEU A 195 6.64 14.30 10.69
CA LEU A 195 6.00 15.58 10.35
C LEU A 195 5.11 16.09 11.48
N PRO A 196 5.71 16.65 12.54
CA PRO A 196 4.91 17.08 13.70
C PRO A 196 4.04 18.32 13.43
N ASN A 197 2.87 18.38 14.06
CA ASN A 197 1.96 19.53 13.95
C ASN A 197 1.48 19.78 12.53
N VAL A 198 1.33 18.72 11.76
CA VAL A 198 0.81 18.83 10.41
C VAL A 198 -0.51 18.09 10.37
N ASP A 199 -1.56 18.78 9.95
CA ASP A 199 -2.88 18.17 9.90
C ASP A 199 -2.97 17.25 8.70
N LEU A 200 -3.66 16.13 8.87
CA LEU A 200 -3.94 15.25 7.76
C LEU A 200 -5.18 15.71 7.00
N LYS A 201 -4.98 16.54 5.99
CA LYS A 201 -6.08 17.04 5.18
C LYS A 201 -5.58 17.45 3.79
N GLU A 202 -6.47 17.39 2.81
CA GLU A 202 -6.12 17.83 1.46
C GLU A 202 -5.81 19.31 1.46
N GLY A 203 -4.86 19.72 0.63
CA GLY A 203 -4.47 21.11 0.60
C GLY A 203 -2.98 21.27 0.86
N THR A 204 -2.53 22.52 0.99
CA THR A 204 -1.12 22.80 1.24
C THR A 204 -0.92 23.48 2.58
N GLN A 205 0.10 23.06 3.31
CA GLN A 205 0.46 23.67 4.57
C GLN A 205 1.91 24.12 4.49
N ARG A 206 2.21 25.21 5.16
CA ARG A 206 3.56 25.74 5.17
C ARG A 206 4.08 25.61 6.59
N ILE A 207 5.23 24.97 6.75
CA ILE A 207 5.77 24.80 8.09
C ILE A 207 7.20 25.28 8.24
N GLU A 208 7.58 25.54 9.48
CA GLU A 208 8.92 26.02 9.82
C GLU A 208 9.67 25.02 10.70
N LEU A 209 10.94 24.80 10.38
CA LEU A 209 11.88 24.19 11.32
C LEU A 209 13.20 24.91 11.07
N ASP A 210 13.94 25.21 12.15
CA ASP A 210 15.11 26.08 12.03
C ASP A 210 14.53 27.43 11.56
N GLY A 211 14.88 27.85 10.35
CA GLY A 211 14.36 29.04 9.74
C GLY A 211 14.27 28.69 8.26
N LYS A 212 14.01 27.41 8.00
CA LYS A 212 13.74 26.92 6.65
C LYS A 212 12.25 26.67 6.57
N TYR A 213 11.67 26.92 5.39
CA TYR A 213 10.25 26.68 5.17
C TYR A 213 10.05 25.43 4.33
N TYR A 214 9.00 24.67 4.66
CA TYR A 214 8.68 23.44 3.95
C TYR A 214 7.22 23.45 3.56
N LEU A 215 6.94 22.85 2.40
CA LEU A 215 5.56 22.74 1.93
C LEU A 215 5.09 21.30 1.99
N VAL A 216 3.95 21.11 2.62
CA VAL A 216 3.33 19.80 2.66
C VAL A 216 2.04 19.85 1.84
N LYS A 217 1.92 18.91 0.92
CA LYS A 217 0.71 18.82 0.11
C LYS A 217 0.15 17.42 0.26
N PHE A 218 -1.12 17.30 0.63
CA PHE A 218 -1.78 16.02 0.70
C PHE A 218 -2.85 15.89 -0.39
N ALA A 219 -3.03 14.68 -0.91
CA ALA A 219 -4.12 14.36 -1.83
C ALA A 219 -4.61 12.96 -1.55
N GLN A 220 -5.92 12.75 -1.60
CA GLN A 220 -6.48 11.47 -1.18
C GLN A 220 -6.70 10.49 -2.34
N VAL A 221 -6.44 9.21 -2.09
CA VAL A 221 -6.73 8.14 -3.03
C VAL A 221 -8.08 7.55 -2.66
N PRO A 222 -9.14 7.88 -3.43
CA PRO A 222 -10.52 7.52 -3.07
C PRO A 222 -10.75 6.05 -2.78
N SER A 223 -10.22 5.16 -3.62
CA SER A 223 -10.46 3.73 -3.49
C SER A 223 -10.20 3.21 -2.07
N GLU A 224 -9.04 3.53 -1.50
CA GLU A 224 -8.73 3.04 -0.16
C GLU A 224 -8.61 4.14 0.88
N SER A 225 -8.89 5.37 0.48
CA SER A 225 -8.80 6.53 1.38
C SER A 225 -7.38 6.76 1.89
N TRP A 226 -6.39 6.31 1.13
CA TRP A 226 -5.01 6.64 1.43
C TRP A 226 -4.80 8.12 1.21
N TYR A 227 -3.79 8.68 1.88
CA TYR A 227 -3.34 10.02 1.59
C TYR A 227 -1.97 9.94 0.97
N ILE A 228 -1.77 10.64 -0.15
CA ILE A 228 -0.44 10.83 -0.67
C ILE A 228 0.08 12.19 -0.22
N GLY A 229 1.23 12.19 0.45
CA GLY A 229 1.83 13.42 0.92
C GLY A 229 3.14 13.71 0.22
N ALA A 230 3.40 14.99 0.00
CA ALA A 230 4.69 15.44 -0.48
C ALA A 230 5.27 16.44 0.50
N VAL A 231 6.53 16.27 0.86
CA VAL A 231 7.25 17.28 1.66
C VAL A 231 8.28 17.95 0.78
N VAL A 232 8.22 19.28 0.67
CA VAL A 232 9.10 20.01 -0.24
C VAL A 232 9.87 21.14 0.45
N ASP A 233 11.20 21.11 0.30
CA ASP A 233 12.07 22.19 0.73
C ASP A 233 11.98 23.33 -0.27
N GLU A 234 11.41 24.45 0.15
CA GLU A 234 11.19 25.59 -0.73
C GLU A 234 12.50 26.14 -1.30
N SER A 235 13.48 26.34 -0.43
CA SER A 235 14.77 26.90 -0.80
C SER A 235 15.45 26.10 -1.91
N ILE A 236 15.38 24.78 -1.82
CA ILE A 236 16.03 23.94 -2.82
C ILE A 236 15.16 23.77 -4.06
N ALA A 237 13.86 23.54 -3.85
CA ALA A 237 12.97 23.20 -4.95
C ALA A 237 12.65 24.39 -5.86
N PHE A 238 12.70 25.61 -5.31
CA PHE A 238 12.37 26.78 -6.10
C PHE A 238 13.49 27.82 -6.10
N ALA A 239 14.73 27.34 -6.20
CA ALA A 239 15.90 28.22 -6.23
C ALA A 239 16.06 28.86 -7.59
N GLY B . 1.73 -12.12 4.72
CA GLY B . 1.23 -13.41 5.15
C GLY B . 1.15 -13.43 6.65
O GLY B . 0.33 -14.17 7.22
OXT GLY B . 1.91 -12.72 7.33
CA CA C . 7.06 -21.60 0.84
#